data_9V0I
#
_entry.id   9V0I
#
_cell.length_a   75.499
_cell.length_b   75.499
_cell.length_c   401.388
_cell.angle_alpha   90.000
_cell.angle_beta   90.000
_cell.angle_gamma   120.000
#
_symmetry.space_group_name_H-M   'P 65 2 2'
#
loop_
_entity.id
_entity.type
_entity.pdbx_description
1 polymer 'Maltodextrin glucosidase'
2 water water
#
_entity_poly.entity_id   1
_entity_poly.type   'polypeptide(L)'
_entity_poly.pdbx_seq_one_letter_code
;MLKAWHLPVAPFIKEQQERLMITLWLSGDDLPPRVTLRAEEDNEELSLPMHRLRQAPHPGVVAWRGEINLVNGQPRRRYS
FKLLWADRQLWFTPQEFNRFPPARLEQFAVDLPDSGPQWVADQVFYQIFPDRFARSQSREAEQDATYYHHAAGHDIVRKA
WDEPLTAEAGGSTFYGGDLDGISEKLPYLKQLGVTALYLNPVFVAPSVHKYDTEDYRRVDPQFGGDAALLRLRHNTQKEG
MRLILDGVFNHSGDSHAWFDRHQRGSGGACHNADSPWRDWYNFSPEGVAHDWLGYASLPKLDYRSSTLIDEIYGGEDSVV
RHWLKAPWSMDGWRLDVVHMLGEGGGARNNLRHIAGITQAAKLERPDAFVFGEHFGDARQWLQADVEDSAMNYRGFTFPL
WGFLANTDISYDPQKIDAQTCMAWMDNYRAGLSHQQQLRMFNQLDSHNTARFKSLLGKDVARLPLAVVWLFSWPGVPCIY
YGDEVGVDGNNDPFCRKPFPWDPALQDGDLLDLYKRMSKLRKAHQALRYGGCQVIYAEDNVVVFVRVYKQQRVLVAINRG
EACEVVIEDSPLLDVNGWQLKEGAGALHDGVLTLPAISASVWFSR
;
_entity_poly.pdbx_strand_id   A
#
# COMPACT_ATOMS: atom_id res chain seq x y z
N LEU A 2 -28.21 4.84 -21.21
CA LEU A 2 -28.39 4.57 -19.80
C LEU A 2 -27.14 4.94 -19.01
N LYS A 3 -27.31 5.59 -17.87
CA LYS A 3 -26.17 5.93 -17.02
C LYS A 3 -26.48 5.61 -15.58
N ALA A 4 -25.42 5.28 -14.84
CA ALA A 4 -25.54 4.90 -13.44
C ALA A 4 -24.36 5.46 -12.68
N TRP A 5 -24.57 5.68 -11.38
CA TRP A 5 -23.51 6.12 -10.48
C TRP A 5 -23.75 5.50 -9.12
N HIS A 6 -22.67 5.03 -8.50
CA HIS A 6 -22.71 4.65 -7.10
C HIS A 6 -21.28 4.49 -6.62
N LEU A 7 -20.98 5.07 -5.46
CA LEU A 7 -19.75 4.83 -4.73
C LEU A 7 -20.08 4.36 -3.32
N PRO A 8 -19.23 3.52 -2.72
CA PRO A 8 -19.53 2.93 -1.40
C PRO A 8 -19.23 3.88 -0.24
N VAL A 9 -19.82 5.07 -0.30
CA VAL A 9 -19.53 6.10 0.68
C VAL A 9 -20.64 7.15 0.59
N ALA A 10 -20.79 7.94 1.66
CA ALA A 10 -21.68 9.09 1.59
C ALA A 10 -21.28 9.95 0.40
N PRO A 11 -22.25 10.52 -0.35
CA PRO A 11 -23.69 10.54 -0.09
C PRO A 11 -24.48 9.32 -0.58
N PHE A 12 -23.85 8.25 -1.07
CA PHE A 12 -24.60 7.12 -1.59
C PHE A 12 -24.99 6.12 -0.50
N ILE A 13 -24.24 6.06 0.58
CA ILE A 13 -24.63 5.19 1.67
C ILE A 13 -24.72 6.00 2.96
N LYS A 14 -25.45 5.45 3.92
CA LYS A 14 -25.72 6.14 5.17
C LYS A 14 -26.13 5.09 6.18
N GLU A 15 -25.32 4.92 7.23
CA GLU A 15 -25.69 4.03 8.32
C GLU A 15 -26.62 4.74 9.29
N GLN A 16 -27.68 4.05 9.70
CA GLN A 16 -28.77 4.69 10.43
C GLN A 16 -29.41 3.62 11.31
N GLN A 17 -29.23 3.75 12.62
CA GLN A 17 -29.64 2.75 13.61
C GLN A 17 -28.90 1.45 13.27
N GLU A 18 -29.58 0.38 12.85
CA GLU A 18 -28.89 -0.84 12.50
C GLU A 18 -29.16 -1.22 11.05
N ARG A 19 -29.31 -0.22 10.19
CA ARG A 19 -29.58 -0.39 8.78
C ARG A 19 -28.53 0.34 7.96
N LEU A 20 -28.21 -0.22 6.80
CA LEU A 20 -27.29 0.43 5.86
C LEU A 20 -28.09 0.83 4.63
N MET A 21 -28.34 2.13 4.50
CA MET A 21 -29.10 2.66 3.38
C MET A 21 -28.22 2.80 2.15
N ILE A 22 -28.70 2.29 1.02
CA ILE A 22 -27.97 2.29 -0.24
C ILE A 22 -28.78 3.06 -1.26
N THR A 23 -28.13 4.00 -1.93
CA THR A 23 -28.79 4.83 -2.91
C THR A 23 -28.05 4.68 -4.24
N LEU A 24 -28.82 4.49 -5.31
CA LEU A 24 -28.31 4.35 -6.66
C LEU A 24 -28.86 5.47 -7.52
N TRP A 25 -28.03 6.01 -8.41
CA TRP A 25 -28.43 7.07 -9.33
C TRP A 25 -28.51 6.49 -10.74
N LEU A 26 -29.58 6.82 -11.44
CA LEU A 26 -29.73 6.44 -12.83
C LEU A 26 -30.06 7.68 -13.65
N SER A 27 -29.79 7.60 -14.94
CA SER A 27 -30.22 8.67 -15.83
C SER A 27 -30.25 8.10 -17.25
N GLY A 28 -31.28 8.43 -18.00
CA GLY A 28 -31.36 7.96 -19.37
C GLY A 28 -32.79 7.85 -19.86
N ASP A 29 -32.92 7.38 -21.11
CA ASP A 29 -34.21 7.39 -21.79
C ASP A 29 -35.12 6.22 -21.43
N ASP A 30 -34.58 5.08 -21.01
CA ASP A 30 -35.37 3.86 -20.85
C ASP A 30 -35.08 3.25 -19.47
N LEU A 31 -35.55 3.90 -18.43
CA LEU A 31 -35.07 3.47 -17.12
C LEU A 31 -35.83 2.23 -16.66
N PRO A 32 -35.16 1.31 -15.96
CA PRO A 32 -35.85 0.16 -15.41
C PRO A 32 -36.97 0.60 -14.48
N PRO A 33 -38.17 0.02 -14.62
CA PRO A 33 -39.24 0.30 -13.65
C PRO A 33 -39.00 -0.33 -12.29
N ARG A 34 -38.16 -1.37 -12.22
CA ARG A 34 -37.78 -1.97 -10.96
C ARG A 34 -36.26 -2.03 -10.87
N VAL A 35 -35.77 -1.95 -9.63
CA VAL A 35 -34.37 -2.18 -9.34
C VAL A 35 -34.28 -2.98 -8.06
N THR A 36 -33.50 -4.06 -8.09
CA THR A 36 -33.30 -4.88 -6.92
C THR A 36 -31.90 -4.64 -6.40
N LEU A 37 -31.80 -4.44 -5.08
CA LEU A 37 -30.53 -4.42 -4.39
C LEU A 37 -30.12 -5.86 -4.12
N ARG A 38 -29.13 -6.36 -4.85
CA ARG A 38 -28.60 -7.69 -4.56
C ARG A 38 -27.50 -7.54 -3.51
N ALA A 39 -27.71 -8.13 -2.35
CA ALA A 39 -26.83 -7.97 -1.20
C ALA A 39 -26.68 -9.32 -0.53
N GLU A 40 -25.51 -9.55 0.05
CA GLU A 40 -25.17 -10.84 0.61
C GLU A 40 -25.26 -10.80 2.13
N GLU A 41 -25.86 -11.84 2.69
CA GLU A 41 -25.97 -12.01 4.14
C GLU A 41 -25.57 -13.44 4.47
N ASP A 42 -24.39 -13.60 5.06
CA ASP A 42 -23.85 -14.92 5.36
C ASP A 42 -23.76 -15.75 4.09
N ASN A 43 -23.17 -15.15 3.05
CA ASN A 43 -22.94 -15.77 1.75
C ASN A 43 -24.24 -16.04 0.98
N GLU A 44 -25.39 -15.92 1.63
CA GLU A 44 -26.67 -16.11 0.96
C GLU A 44 -27.04 -14.85 0.21
N GLU A 45 -27.34 -14.99 -1.08
CA GLU A 45 -27.72 -13.84 -1.88
C GLU A 45 -29.15 -13.41 -1.59
N LEU A 46 -29.35 -12.11 -1.37
CA LEU A 46 -30.67 -11.57 -1.07
C LEU A 46 -31.12 -10.66 -2.21
N SER A 47 -32.44 -10.62 -2.42
CA SER A 47 -33.05 -9.73 -3.40
C SER A 47 -33.86 -8.68 -2.64
N LEU A 48 -33.26 -7.53 -2.38
CA LEU A 48 -33.89 -6.53 -1.53
C LEU A 48 -34.56 -5.46 -2.38
N PRO A 49 -35.84 -5.20 -2.19
CA PRO A 49 -36.53 -4.23 -3.05
C PRO A 49 -35.95 -2.84 -2.91
N MET A 50 -35.90 -2.11 -4.02
CA MET A 50 -35.55 -0.70 -3.98
C MET A 50 -36.78 0.12 -4.35
N HIS A 51 -36.86 1.34 -3.84
CA HIS A 51 -37.98 2.22 -4.15
C HIS A 51 -37.47 3.56 -4.67
N ARG A 52 -38.19 4.11 -5.65
CA ARG A 52 -37.81 5.37 -6.26
C ARG A 52 -37.99 6.52 -5.27
N LEU A 53 -37.00 7.41 -5.22
CA LEU A 53 -37.10 8.61 -4.41
C LEU A 53 -37.84 9.69 -5.17
N ARG A 54 -38.78 10.35 -4.48
CA ARG A 54 -39.55 11.41 -5.10
C ARG A 54 -38.65 12.55 -5.57
N GLN A 55 -37.62 12.88 -4.79
CA GLN A 55 -36.77 14.03 -5.05
C GLN A 55 -35.56 13.63 -5.90
N ALA A 56 -35.43 14.24 -7.07
CA ALA A 56 -34.24 14.04 -7.90
C ALA A 56 -33.00 14.62 -7.22
N PRO A 57 -31.94 13.84 -6.99
CA PRO A 57 -30.75 14.42 -6.35
C PRO A 57 -30.01 15.42 -7.23
N HIS A 58 -30.01 15.25 -8.56
CA HIS A 58 -29.35 16.16 -9.47
C HIS A 58 -30.16 16.21 -10.76
N PRO A 59 -30.02 17.28 -11.55
CA PRO A 59 -30.75 17.37 -12.82
C PRO A 59 -30.73 16.12 -13.69
N GLY A 60 -31.91 15.60 -14.02
CA GLY A 60 -32.01 14.49 -14.94
C GLY A 60 -31.65 13.14 -14.36
N VAL A 61 -31.66 12.99 -13.03
CA VAL A 61 -31.12 11.82 -12.36
C VAL A 61 -32.16 11.27 -11.40
N VAL A 62 -32.42 9.96 -11.49
CA VAL A 62 -33.36 9.25 -10.64
C VAL A 62 -32.58 8.50 -9.59
N ALA A 63 -33.03 8.57 -8.34
CA ALA A 63 -32.39 7.88 -7.24
C ALA A 63 -33.26 6.71 -6.81
N TRP A 64 -32.62 5.58 -6.55
CA TRP A 64 -33.26 4.42 -5.95
C TRP A 64 -32.63 4.17 -4.60
N ARG A 65 -33.43 3.67 -3.65
CA ARG A 65 -32.94 3.48 -2.30
C ARG A 65 -33.42 2.16 -1.72
N GLY A 66 -32.50 1.39 -1.17
CA GLY A 66 -32.82 0.21 -0.39
C GLY A 66 -31.98 0.19 0.87
N GLU A 67 -32.15 -0.87 1.65
CA GLU A 67 -31.43 -1.02 2.92
C GLU A 67 -30.92 -2.43 3.09
N ILE A 68 -29.71 -2.53 3.65
CA ILE A 68 -29.18 -3.78 4.17
C ILE A 68 -29.41 -3.80 5.67
N ASN A 69 -29.89 -4.92 6.19
CA ASN A 69 -30.02 -5.09 7.63
C ASN A 69 -28.67 -5.46 8.23
N LEU A 70 -28.19 -4.64 9.16
CA LEU A 70 -26.85 -4.81 9.72
C LEU A 70 -26.80 -5.73 10.94
N VAL A 71 -27.95 -6.06 11.52
CA VAL A 71 -27.96 -6.84 12.75
C VAL A 71 -27.48 -8.27 12.51
N ASN A 72 -27.65 -8.79 11.30
CA ASN A 72 -27.17 -10.11 10.94
C ASN A 72 -26.16 -10.00 9.81
N GLY A 73 -25.49 -11.12 9.53
CA GLY A 73 -24.50 -11.17 8.48
C GLY A 73 -23.10 -10.80 8.97
N GLN A 74 -22.11 -11.21 8.19
CA GLN A 74 -20.73 -10.92 8.53
C GLN A 74 -20.43 -9.43 8.29
N PRO A 75 -19.34 -8.92 8.86
CA PRO A 75 -19.05 -7.49 8.75
C PRO A 75 -18.90 -6.98 7.33
N ARG A 76 -18.45 -7.81 6.38
CA ARG A 76 -18.27 -7.32 5.02
C ARG A 76 -19.59 -7.42 4.28
N ARG A 77 -20.12 -6.27 3.86
CA ARG A 77 -21.43 -6.17 3.21
C ARG A 77 -21.18 -6.01 1.71
N ARG A 78 -21.35 -7.09 0.95
CA ARG A 78 -21.20 -7.04 -0.49
C ARG A 78 -22.55 -6.81 -1.15
N TYR A 79 -22.54 -6.08 -2.26
CA TYR A 79 -23.80 -5.73 -2.91
C TYR A 79 -23.54 -5.21 -4.30
N SER A 80 -24.56 -5.33 -5.16
CA SER A 80 -24.59 -4.79 -6.50
C SER A 80 -26.06 -4.55 -6.85
N PHE A 81 -26.29 -4.04 -8.05
CA PHE A 81 -27.61 -3.52 -8.40
C PHE A 81 -28.14 -4.25 -9.63
N LYS A 82 -29.33 -4.85 -9.49
CA LYS A 82 -29.97 -5.64 -10.55
C LYS A 82 -31.09 -4.80 -11.16
N LEU A 83 -30.83 -4.26 -12.33
CA LEU A 83 -31.79 -3.41 -13.03
C LEU A 83 -32.74 -4.30 -13.84
N LEU A 84 -34.04 -4.04 -13.75
CA LEU A 84 -35.06 -4.95 -14.29
C LEU A 84 -36.03 -4.21 -15.19
N TRP A 85 -36.16 -4.68 -16.42
CA TRP A 85 -37.23 -4.31 -17.32
C TRP A 85 -38.17 -5.51 -17.52
N ALA A 86 -39.19 -5.32 -18.35
CA ALA A 86 -40.16 -6.38 -18.59
C ALA A 86 -39.50 -7.62 -19.19
N ASP A 87 -38.46 -7.45 -20.00
CA ASP A 87 -37.90 -8.52 -20.81
C ASP A 87 -36.43 -8.80 -20.55
N ARG A 88 -35.78 -8.07 -19.66
CA ARG A 88 -34.34 -8.21 -19.55
C ARG A 88 -33.86 -7.57 -18.25
N GLN A 89 -32.59 -7.84 -17.95
CA GLN A 89 -31.97 -7.31 -16.76
C GLN A 89 -30.58 -6.80 -17.13
N LEU A 90 -29.97 -6.08 -16.19
CA LEU A 90 -28.66 -5.46 -16.33
C LEU A 90 -28.10 -5.18 -14.94
N TRP A 91 -26.83 -5.56 -14.72
CA TRP A 91 -26.17 -5.40 -13.43
C TRP A 91 -25.34 -4.11 -13.40
N PHE A 92 -25.42 -3.34 -12.31
CA PHE A 92 -24.50 -2.23 -12.13
C PHE A 92 -23.51 -2.52 -11.00
N THR A 93 -22.24 -2.41 -11.31
CA THR A 93 -21.13 -2.94 -10.52
C THR A 93 -20.05 -1.89 -10.34
N PRO A 94 -19.07 -2.16 -9.45
CA PRO A 94 -17.85 -1.32 -9.43
C PRO A 94 -17.19 -1.16 -10.79
N GLN A 95 -17.33 -2.14 -11.66
CA GLN A 95 -16.79 -2.06 -13.01
C GLN A 95 -17.89 -1.81 -14.02
N GLU A 96 -18.71 -0.78 -13.77
CA GLU A 96 -19.74 -0.35 -14.70
C GLU A 96 -20.88 -1.36 -14.84
N PHE A 97 -21.50 -1.37 -16.02
CA PHE A 97 -22.59 -2.28 -16.28
C PHE A 97 -22.02 -3.65 -16.64
N ASN A 98 -22.78 -4.70 -16.31
CA ASN A 98 -22.42 -6.08 -16.58
C ASN A 98 -23.64 -6.77 -17.18
N ARG A 99 -23.48 -7.43 -18.33
CA ARG A 99 -24.63 -8.10 -18.93
C ARG A 99 -24.92 -9.45 -18.26
N PHE A 100 -23.90 -10.10 -17.70
CA PHE A 100 -24.09 -11.27 -16.88
C PHE A 100 -23.64 -10.99 -15.45
N PRO A 101 -24.11 -11.79 -14.49
CA PRO A 101 -23.88 -11.49 -13.06
C PRO A 101 -22.41 -11.29 -12.75
N PRO A 102 -22.06 -10.29 -11.94
CA PRO A 102 -20.67 -10.08 -11.57
C PRO A 102 -20.19 -11.14 -10.61
N ALA A 103 -18.87 -11.30 -10.54
CA ALA A 103 -18.28 -12.13 -9.51
C ALA A 103 -18.70 -11.64 -8.13
N ARG A 104 -19.07 -12.59 -7.28
CA ARG A 104 -19.42 -12.27 -5.91
C ARG A 104 -18.37 -11.39 -5.25
N LEU A 105 -17.09 -11.64 -5.54
CA LEU A 105 -15.97 -10.94 -4.93
C LEU A 105 -15.55 -9.70 -5.71
N GLU A 106 -16.36 -9.22 -6.65
CA GLU A 106 -16.09 -7.95 -7.32
C GLU A 106 -17.31 -7.05 -7.27
N GLN A 107 -18.09 -7.16 -6.21
CA GLN A 107 -19.20 -6.24 -5.98
C GLN A 107 -18.72 -5.03 -5.16
N PHE A 108 -19.60 -4.06 -4.97
CA PHE A 108 -19.32 -3.05 -3.96
C PHE A 108 -19.26 -3.73 -2.61
N ALA A 109 -18.49 -3.15 -1.71
CA ALA A 109 -18.42 -3.74 -0.39
C ALA A 109 -17.92 -2.69 0.58
N VAL A 110 -18.40 -2.84 1.80
CA VAL A 110 -18.21 -1.90 2.89
C VAL A 110 -18.16 -2.72 4.15
N ASP A 111 -17.17 -2.46 5.00
CA ASP A 111 -17.01 -3.26 6.21
C ASP A 111 -17.69 -2.52 7.37
N LEU A 112 -18.79 -3.09 7.86
CA LEU A 112 -19.57 -2.54 8.98
C LEU A 112 -19.95 -3.66 9.92
N PRO A 113 -19.40 -3.69 11.14
CA PRO A 113 -18.45 -2.71 11.68
C PRO A 113 -17.07 -2.87 11.03
N ASP A 114 -16.32 -1.79 10.88
CA ASP A 114 -14.95 -1.85 10.38
C ASP A 114 -14.03 -2.14 11.55
N SER A 115 -13.43 -3.33 11.58
CA SER A 115 -12.50 -3.70 12.64
C SER A 115 -11.05 -3.50 12.22
N GLY A 116 -10.79 -2.90 11.06
CA GLY A 116 -9.44 -2.71 10.59
C GLY A 116 -8.77 -1.53 11.27
N PRO A 117 -7.48 -1.34 10.95
CA PRO A 117 -6.74 -0.20 11.52
C PRO A 117 -7.18 1.13 10.92
N GLN A 118 -8.13 1.79 11.57
CA GLN A 118 -8.71 2.99 10.99
C GLN A 118 -7.72 4.16 10.92
N TRP A 119 -6.60 4.07 11.61
CA TRP A 119 -5.63 5.17 11.52
C TRP A 119 -4.85 5.18 10.20
N VAL A 120 -4.81 4.06 9.47
CA VAL A 120 -3.89 3.97 8.34
C VAL A 120 -4.23 5.01 7.28
N ALA A 121 -5.52 5.27 7.09
CA ALA A 121 -5.94 6.17 6.03
C ALA A 121 -5.48 7.59 6.26
N ASP A 122 -5.19 7.97 7.51
CA ASP A 122 -4.78 9.32 7.84
C ASP A 122 -3.28 9.53 7.72
N GLN A 123 -2.53 8.51 7.32
CA GLN A 123 -1.08 8.53 7.43
C GLN A 123 -0.43 8.94 6.12
N VAL A 124 0.80 9.45 6.23
CA VAL A 124 1.73 9.47 5.11
C VAL A 124 2.96 8.71 5.56
N PHE A 125 3.33 7.69 4.79
CA PHE A 125 4.39 6.75 5.13
C PHE A 125 5.68 7.12 4.43
N TYR A 126 6.78 6.79 5.09
CA TYR A 126 8.14 7.04 4.62
C TYR A 126 8.94 5.77 4.90
N GLN A 127 9.53 5.18 3.87
CA GLN A 127 10.31 3.97 4.02
C GLN A 127 11.80 4.28 4.11
N ILE A 128 12.45 3.77 5.15
CA ILE A 128 13.86 4.04 5.38
C ILE A 128 14.65 2.74 5.35
N PHE A 129 15.67 2.69 4.47
CA PHE A 129 16.76 1.74 4.53
C PHE A 129 17.81 2.27 5.51
N PRO A 130 17.79 1.83 6.77
CA PRO A 130 18.53 2.56 7.83
C PRO A 130 19.97 2.92 7.49
N ASP A 131 20.78 1.98 6.99
CA ASP A 131 22.19 2.27 6.75
C ASP A 131 22.40 3.47 5.81
N ARG A 132 21.42 3.84 5.00
CA ARG A 132 21.65 4.81 3.94
C ARG A 132 20.89 6.11 4.13
N PHE A 133 20.23 6.29 5.26
CA PHE A 133 19.42 7.51 5.47
C PHE A 133 20.21 8.61 6.18
N ALA A 134 20.63 8.37 7.42
CA ALA A 134 21.34 9.43 8.14
C ALA A 134 22.14 8.86 9.31
N ARG A 135 23.36 9.39 9.46
CA ARG A 135 24.20 9.06 10.60
C ARG A 135 23.88 9.99 11.76
N SER A 136 23.74 9.43 12.96
CA SER A 136 23.64 10.24 14.16
C SER A 136 24.93 11.04 14.37
N GLN A 137 24.80 12.11 15.17
CA GLN A 137 25.95 12.98 15.45
C GLN A 137 27.08 12.22 16.13
N SER A 138 26.77 11.40 17.14
CA SER A 138 27.80 10.62 17.82
C SER A 138 28.36 9.50 16.94
N ARG A 139 27.62 9.05 15.94
CA ARG A 139 28.07 8.00 15.02
C ARG A 139 28.44 6.71 15.75
N THR A 146 34.33 -3.36 11.73
CA THR A 146 34.27 -4.34 10.66
C THR A 146 34.38 -5.77 11.19
N TYR A 147 33.78 -6.71 10.46
CA TYR A 147 33.79 -8.11 10.82
C TYR A 147 33.69 -8.94 9.55
N TYR A 148 33.66 -10.25 9.71
CA TYR A 148 33.65 -11.18 8.59
C TYR A 148 32.22 -11.63 8.30
N HIS A 149 31.80 -11.47 7.05
CA HIS A 149 30.47 -11.89 6.59
C HIS A 149 30.61 -13.30 6.01
N HIS A 150 30.20 -14.30 6.80
CA HIS A 150 30.40 -15.70 6.40
C HIS A 150 29.60 -16.07 5.17
N ALA A 151 28.41 -15.48 4.97
CA ALA A 151 27.62 -15.80 3.78
C ALA A 151 28.22 -15.15 2.54
N ALA A 152 28.77 -13.94 2.67
CA ALA A 152 29.66 -13.41 1.67
C ALA A 152 31.00 -14.13 1.76
N GLY A 153 31.96 -13.75 0.92
CA GLY A 153 33.25 -14.41 0.96
C GLY A 153 34.37 -13.58 1.56
N HIS A 154 34.01 -12.51 2.28
CA HIS A 154 34.99 -11.49 2.63
C HIS A 154 34.49 -10.70 3.85
N ASP A 155 35.37 -9.86 4.37
CA ASP A 155 35.02 -8.92 5.41
C ASP A 155 34.12 -7.83 4.84
N ILE A 156 33.39 -7.16 5.73
CA ILE A 156 32.50 -6.07 5.31
C ILE A 156 33.33 -4.84 4.98
N VAL A 157 32.79 -4.01 4.07
CA VAL A 157 33.45 -2.82 3.57
C VAL A 157 32.73 -1.60 4.12
N ARG A 158 33.49 -0.58 4.52
CA ARG A 158 32.93 0.65 5.09
C ARG A 158 33.34 1.82 4.22
N LYS A 159 32.36 2.50 3.65
CA LYS A 159 32.58 3.63 2.75
C LYS A 159 32.15 4.93 3.40
N ALA A 160 32.64 6.04 2.86
CA ALA A 160 32.23 7.36 3.29
C ALA A 160 31.00 7.82 2.52
N TRP A 161 30.25 8.75 3.13
CA TRP A 161 28.92 9.10 2.65
C TRP A 161 28.91 9.64 1.21
N ASP A 162 30.04 10.10 0.70
CA ASP A 162 30.09 10.69 -0.64
C ASP A 162 30.65 9.75 -1.69
N GLU A 163 31.05 8.55 -1.31
CA GLU A 163 31.63 7.62 -2.26
C GLU A 163 30.54 7.05 -3.18
N PRO A 164 30.74 7.06 -4.49
CA PRO A 164 29.75 6.45 -5.38
C PRO A 164 29.47 5.00 -5.04
N LEU A 165 28.18 4.65 -5.11
CA LEU A 165 27.75 3.27 -4.96
C LEU A 165 28.26 2.44 -6.14
N THR A 166 28.64 1.20 -5.85
CA THR A 166 29.12 0.26 -6.86
C THR A 166 28.39 -1.07 -6.68
N ALA A 167 28.50 -1.91 -7.71
CA ALA A 167 27.91 -3.24 -7.67
C ALA A 167 28.71 -4.21 -6.82
N GLU A 168 29.86 -3.81 -6.30
CA GLU A 168 30.77 -4.72 -5.62
C GLU A 168 30.39 -4.85 -4.15
N ALA A 169 30.19 -6.09 -3.70
CA ALA A 169 29.86 -6.37 -2.30
C ALA A 169 28.68 -5.52 -1.84
N GLY A 170 27.63 -5.47 -2.67
CA GLY A 170 26.50 -4.61 -2.36
C GLY A 170 25.89 -4.90 -1.00
N GLY A 171 25.82 -6.18 -0.62
CA GLY A 171 25.23 -6.59 0.63
C GLY A 171 26.14 -6.51 1.84
N SER A 172 27.40 -6.13 1.66
CA SER A 172 28.36 -6.05 2.76
C SER A 172 29.00 -4.67 2.90
N THR A 173 28.49 -3.66 2.20
CA THR A 173 29.05 -2.32 2.25
C THR A 173 28.16 -1.44 3.13
N PHE A 174 28.75 -0.80 4.12
CA PHE A 174 28.02 -0.03 5.14
C PHE A 174 28.43 1.43 5.07
N TYR A 175 27.48 2.30 4.73
CA TYR A 175 27.69 3.74 4.82
C TYR A 175 27.39 4.29 6.21
N GLY A 176 26.75 3.50 7.08
CA GLY A 176 26.75 3.79 8.50
C GLY A 176 25.58 4.59 9.06
N GLY A 177 24.46 4.70 8.35
CA GLY A 177 23.29 5.33 8.93
C GLY A 177 22.73 4.51 10.07
N ASP A 178 22.07 5.17 11.02
CA ASP A 178 21.58 4.47 12.19
C ASP A 178 20.24 5.08 12.64
N LEU A 179 19.72 4.57 13.76
CA LEU A 179 18.36 4.92 14.17
C LEU A 179 18.30 6.28 14.85
N ASP A 180 19.29 6.63 15.67
CA ASP A 180 19.35 7.99 16.20
C ASP A 180 19.45 9.01 15.08
N GLY A 181 20.02 8.61 13.94
CA GLY A 181 20.05 9.49 12.80
C GLY A 181 18.67 9.77 12.25
N ILE A 182 17.78 8.77 12.34
CA ILE A 182 16.38 8.99 11.98
C ILE A 182 15.73 9.93 12.99
N SER A 183 15.87 9.62 14.28
CA SER A 183 15.42 10.50 15.35
C SER A 183 15.85 11.95 15.10
N GLU A 184 17.14 12.16 14.86
CA GLU A 184 17.61 13.53 14.59
C GLU A 184 17.03 14.12 13.32
N LYS A 185 16.47 13.31 12.42
CA LYS A 185 15.92 13.85 11.18
C LYS A 185 14.40 13.96 11.23
N LEU A 186 13.78 13.62 12.35
CA LEU A 186 12.33 13.79 12.51
C LEU A 186 11.81 15.17 12.13
N PRO A 187 12.51 16.29 12.39
CA PRO A 187 11.94 17.59 11.97
C PRO A 187 11.80 17.69 10.46
N TYR A 188 12.80 17.22 9.72
CA TYR A 188 12.69 17.17 8.27
C TYR A 188 11.47 16.34 7.85
N LEU A 189 11.29 15.15 8.45
CA LEU A 189 10.19 14.29 7.99
C LEU A 189 8.84 14.92 8.32
N LYS A 190 8.72 15.55 9.48
CA LYS A 190 7.50 16.28 9.79
C LYS A 190 7.28 17.44 8.81
N GLN A 191 8.34 18.15 8.45
CA GLN A 191 8.20 19.18 7.43
C GLN A 191 7.74 18.58 6.11
N LEU A 192 8.27 17.41 5.76
CA LEU A 192 7.83 16.73 4.54
C LEU A 192 6.36 16.34 4.60
N GLY A 193 5.82 16.13 5.79
CA GLY A 193 4.45 15.68 5.95
C GLY A 193 4.31 14.25 6.43
N VAL A 194 5.42 13.59 6.77
CA VAL A 194 5.39 12.19 7.15
C VAL A 194 4.74 12.03 8.51
N THR A 195 3.89 11.01 8.65
CA THR A 195 3.28 10.71 9.92
C THR A 195 3.59 9.30 10.37
N ALA A 196 4.35 8.56 9.58
CA ALA A 196 4.49 7.14 9.77
C ALA A 196 5.77 6.68 9.08
N LEU A 197 6.51 5.81 9.73
CA LEU A 197 7.73 5.25 9.16
C LEU A 197 7.59 3.74 8.99
N TYR A 198 8.06 3.24 7.86
CA TYR A 198 8.28 1.81 7.66
C TYR A 198 9.79 1.61 7.51
N LEU A 199 10.37 0.84 8.42
CA LEU A 199 11.80 0.59 8.46
C LEU A 199 12.13 -0.77 7.89
N ASN A 200 13.09 -0.81 6.96
CA ASN A 200 13.73 -2.06 6.56
C ASN A 200 14.31 -2.76 7.79
N PRO A 201 14.70 -4.04 7.68
CA PRO A 201 15.00 -4.82 8.89
C PRO A 201 16.04 -4.14 9.76
N VAL A 202 15.84 -4.24 11.07
CA VAL A 202 16.77 -3.64 12.03
C VAL A 202 17.36 -4.66 13.00
N PHE A 203 16.93 -5.92 12.95
CA PHE A 203 17.40 -6.89 13.92
C PHE A 203 18.81 -7.38 13.58
N VAL A 204 19.46 -8.01 14.56
CA VAL A 204 20.85 -8.48 14.40
C VAL A 204 20.95 -9.39 13.18
N ALA A 205 21.85 -9.05 12.27
CA ALA A 205 22.08 -9.77 11.03
C ALA A 205 23.37 -9.26 10.40
N PRO A 206 24.18 -10.14 9.80
CA PRO A 206 25.49 -9.70 9.30
C PRO A 206 25.43 -8.82 8.07
N SER A 207 24.37 -8.89 7.25
CA SER A 207 24.37 -8.13 6.01
C SER A 207 24.00 -6.67 6.27
N VAL A 208 24.14 -5.86 5.22
CA VAL A 208 23.78 -4.45 5.35
C VAL A 208 22.27 -4.24 5.26
N HIS A 209 21.56 -5.10 4.52
CA HIS A 209 20.12 -4.97 4.43
C HIS A 209 19.41 -5.72 5.55
N LYS A 210 20.02 -6.81 6.04
CA LYS A 210 19.63 -7.52 7.25
C LYS A 210 18.36 -8.36 7.07
N TYR A 211 18.07 -8.79 5.85
CA TYR A 211 17.02 -9.81 5.68
C TYR A 211 17.51 -11.21 6.03
N ASP A 212 18.79 -11.33 6.40
CA ASP A 212 19.36 -12.59 6.88
C ASP A 212 19.43 -12.54 8.41
N THR A 213 18.25 -12.68 9.01
CA THR A 213 18.10 -12.46 10.44
C THR A 213 18.88 -13.51 11.24
N GLU A 214 19.71 -13.03 12.15
CA GLU A 214 20.45 -13.85 13.11
C GLU A 214 19.80 -13.88 14.49
N ASP A 215 19.19 -12.78 14.94
CA ASP A 215 18.51 -12.74 16.24
C ASP A 215 17.29 -11.84 16.12
N TYR A 216 16.10 -12.43 16.21
CA TYR A 216 14.87 -11.64 16.14
C TYR A 216 14.63 -10.80 17.38
N ARG A 217 15.38 -11.02 18.46
CA ARG A 217 15.09 -10.39 19.74
C ARG A 217 15.97 -9.18 20.01
N ARG A 218 16.94 -8.87 19.15
CA ARG A 218 17.88 -7.81 19.45
C ARG A 218 18.11 -6.93 18.23
N VAL A 219 18.03 -5.61 18.44
CA VAL A 219 18.41 -4.67 17.40
C VAL A 219 19.90 -4.80 17.14
N ASP A 220 20.27 -4.60 15.89
CA ASP A 220 21.67 -4.77 15.48
C ASP A 220 22.50 -3.60 16.00
N PRO A 221 23.65 -3.87 16.62
CA PRO A 221 24.48 -2.77 17.12
C PRO A 221 24.85 -1.74 16.07
N GLN A 222 25.06 -2.18 14.83
CA GLN A 222 25.48 -1.25 13.78
C GLN A 222 24.47 -0.12 13.56
N PHE A 223 23.19 -0.34 13.89
CA PHE A 223 22.19 0.71 13.74
C PHE A 223 21.97 1.51 15.02
N GLY A 224 22.69 1.18 16.09
CA GLY A 224 22.53 1.82 17.38
C GLY A 224 21.93 0.95 18.45
N GLY A 225 21.55 -0.29 18.13
CA GLY A 225 21.15 -1.26 19.14
C GLY A 225 19.76 -1.02 19.69
N ASP A 226 19.40 -1.84 20.69
CA ASP A 226 18.08 -1.74 21.30
C ASP A 226 17.78 -0.31 21.77
N ALA A 227 18.75 0.33 22.45
CA ALA A 227 18.49 1.66 23.01
C ALA A 227 18.18 2.67 21.92
N ALA A 228 18.82 2.56 20.76
CA ALA A 228 18.49 3.47 19.68
C ALA A 228 17.10 3.20 19.10
N LEU A 229 16.62 1.96 19.14
CA LEU A 229 15.26 1.74 18.66
C LEU A 229 14.24 2.20 19.69
N LEU A 230 14.49 1.95 20.98
CA LEU A 230 13.62 2.52 22.01
C LEU A 230 13.56 4.03 21.87
N ARG A 231 14.70 4.69 21.69
CA ARG A 231 14.66 6.14 21.53
C ARG A 231 13.79 6.51 20.35
N LEU A 232 13.95 5.81 19.22
CA LEU A 232 13.14 6.12 18.03
C LEU A 232 11.66 5.90 18.29
N ARG A 233 11.32 4.86 19.05
CA ARG A 233 9.94 4.68 19.47
C ARG A 233 9.46 5.85 20.34
N HIS A 234 10.30 6.31 21.28
CA HIS A 234 9.90 7.45 22.11
C HIS A 234 9.68 8.69 21.27
N ASN A 235 10.61 8.97 20.37
CA ASN A 235 10.58 10.22 19.63
C ASN A 235 9.44 10.25 18.63
N THR A 236 9.14 9.11 17.98
CA THR A 236 8.02 9.06 17.05
C THR A 236 6.70 9.26 17.78
N GLN A 237 6.49 8.53 18.87
CA GLN A 237 5.33 8.73 19.73
C GLN A 237 5.19 10.20 20.13
N LYS A 238 6.31 10.84 20.50
CA LYS A 238 6.27 12.24 20.91
C LYS A 238 5.82 13.12 19.76
N GLU A 239 6.22 12.78 18.53
CA GLU A 239 5.83 13.56 17.36
C GLU A 239 4.53 13.10 16.73
N GLY A 240 3.80 12.21 17.40
CA GLY A 240 2.56 11.71 16.82
C GLY A 240 2.77 10.93 15.55
N MET A 241 3.79 10.08 15.52
CA MET A 241 4.16 9.34 14.33
C MET A 241 4.07 7.85 14.59
N ARG A 242 3.72 7.10 13.55
CA ARG A 242 3.60 5.65 13.62
C ARG A 242 4.91 5.00 13.16
N LEU A 243 5.13 3.77 13.63
CA LEU A 243 6.38 3.07 13.37
C LEU A 243 6.04 1.64 12.98
N ILE A 244 6.57 1.19 11.84
CA ILE A 244 6.38 -0.18 11.33
C ILE A 244 7.74 -0.80 11.06
N LEU A 245 7.96 -2.00 11.60
CA LEU A 245 9.20 -2.75 11.38
C LEU A 245 9.00 -3.84 10.33
N ASP A 246 10.09 -4.19 9.65
CA ASP A 246 10.10 -5.21 8.61
C ASP A 246 10.07 -6.61 9.24
N GLY A 247 9.01 -7.37 8.96
CA GLY A 247 8.85 -8.70 9.53
C GLY A 247 9.25 -9.80 8.57
N VAL A 248 10.41 -10.41 8.82
CA VAL A 248 11.00 -11.40 7.92
C VAL A 248 10.84 -12.76 8.56
N PHE A 249 9.77 -13.46 8.20
CA PHE A 249 9.41 -14.71 8.84
C PHE A 249 9.33 -15.90 7.90
N ASN A 250 9.44 -15.69 6.57
CA ASN A 250 9.47 -16.81 5.64
C ASN A 250 10.74 -17.65 5.83
N HIS A 251 11.81 -17.01 6.27
CA HIS A 251 13.13 -17.62 6.36
C HIS A 251 13.94 -16.88 7.42
N SER A 252 14.92 -17.58 8.01
CA SER A 252 15.90 -16.95 8.88
C SER A 252 17.18 -16.69 8.11
N GLY A 253 18.16 -16.15 8.81
CA GLY A 253 19.53 -16.11 8.29
C GLY A 253 20.29 -17.38 8.65
N ASP A 254 21.25 -17.74 7.80
CA ASP A 254 22.04 -18.94 8.05
C ASP A 254 23.03 -18.76 9.21
N SER A 255 23.22 -17.54 9.70
CA SER A 255 24.01 -17.33 10.90
C SER A 255 23.14 -17.32 12.16
N HIS A 256 21.83 -17.49 12.02
CA HIS A 256 20.95 -17.55 13.18
C HIS A 256 21.31 -18.77 14.03
N ALA A 257 21.17 -18.61 15.35
CA ALA A 257 21.48 -19.69 16.27
C ALA A 257 20.68 -20.96 15.95
N TRP A 258 19.46 -20.81 15.43
CA TRP A 258 18.66 -21.98 15.08
C TRP A 258 19.30 -22.79 13.97
N PHE A 259 19.93 -22.13 13.00
CA PHE A 259 20.49 -22.83 11.85
C PHE A 259 22.01 -22.95 11.98
N ASP A 260 22.71 -21.82 11.95
CA ASP A 260 24.12 -21.77 12.34
C ASP A 260 25.02 -22.51 11.34
N ARG A 261 25.07 -22.04 10.09
CA ARG A 261 25.93 -22.68 9.08
C ARG A 261 27.39 -22.67 9.48
N HIS A 262 27.80 -21.75 10.34
CA HIS A 262 29.21 -21.54 10.62
C HIS A 262 29.55 -21.92 12.06
N GLN A 263 28.80 -22.87 12.61
CA GLN A 263 29.19 -23.62 13.80
C GLN A 263 29.50 -22.74 15.00
N ARG A 264 28.89 -21.54 15.07
CA ARG A 264 29.12 -20.68 16.22
C ARG A 264 28.64 -21.33 17.52
N GLY A 265 27.76 -22.33 17.44
CA GLY A 265 27.33 -23.10 18.58
C GLY A 265 27.36 -24.59 18.29
N SER A 266 26.80 -25.41 19.18
CA SER A 266 26.85 -26.86 19.01
C SER A 266 25.49 -27.48 18.70
N GLY A 267 24.40 -26.72 18.79
CA GLY A 267 23.07 -27.27 18.61
C GLY A 267 22.31 -26.75 17.41
N GLY A 268 23.01 -26.12 16.46
CA GLY A 268 22.35 -25.60 15.28
C GLY A 268 21.75 -26.69 14.41
N ALA A 269 20.67 -26.32 13.71
CA ALA A 269 19.98 -27.29 12.86
C ALA A 269 20.75 -27.63 11.59
N CYS A 270 21.72 -26.79 11.20
CA CYS A 270 22.46 -27.05 9.96
C CYS A 270 23.38 -28.25 10.09
N HIS A 271 23.96 -28.47 11.28
CA HIS A 271 24.99 -29.50 11.44
C HIS A 271 24.71 -30.42 12.62
N ASN A 272 23.44 -30.65 12.95
CA ASN A 272 23.07 -31.54 14.04
C ASN A 272 21.71 -32.13 13.74
N ALA A 273 21.66 -33.42 13.41
CA ALA A 273 20.38 -34.08 13.22
C ALA A 273 19.53 -34.06 14.48
N ASP A 274 20.15 -33.91 15.64
CA ASP A 274 19.47 -33.89 16.93
C ASP A 274 19.14 -32.49 17.39
N SER A 275 19.30 -31.49 16.55
CA SER A 275 19.15 -30.10 16.97
C SER A 275 17.75 -29.84 17.49
N PRO A 276 17.61 -29.01 18.54
CA PRO A 276 16.26 -28.63 18.99
C PRO A 276 15.44 -27.92 17.91
N TRP A 277 16.06 -27.49 16.82
CA TRP A 277 15.39 -26.81 15.72
C TRP A 277 15.54 -27.54 14.39
N ARG A 278 15.83 -28.84 14.45
CA ARG A 278 16.06 -29.60 13.22
C ARG A 278 14.83 -29.59 12.33
N ASP A 279 13.64 -29.73 12.92
CA ASP A 279 12.40 -29.76 12.15
C ASP A 279 11.95 -28.37 11.69
N TRP A 280 12.50 -27.29 12.24
CA TRP A 280 12.14 -25.96 11.75
C TRP A 280 12.71 -25.68 10.35
N TYR A 281 13.47 -26.62 9.82
CA TYR A 281 14.06 -26.46 8.53
C TYR A 281 13.83 -27.64 7.64
N ASN A 282 14.24 -27.55 6.39
CA ASN A 282 14.06 -28.65 5.45
C ASN A 282 15.37 -29.13 4.89
N PHE A 283 15.61 -30.43 4.96
CA PHE A 283 16.81 -31.00 4.42
C PHE A 283 16.45 -32.26 3.68
N HIS A 290 16.48 -26.45 1.18
CA HIS A 290 15.42 -25.43 1.10
C HIS A 290 15.57 -24.05 1.72
N ASP A 291 15.44 -23.08 0.84
CA ASP A 291 15.62 -21.69 1.14
C ASP A 291 14.68 -20.79 0.35
N TRP A 292 15.08 -19.54 0.21
CA TRP A 292 14.30 -18.61 -0.54
C TRP A 292 14.87 -18.50 -1.97
N LEU A 293 14.44 -19.40 -2.83
CA LEU A 293 14.79 -19.40 -4.26
C LEU A 293 16.30 -19.56 -4.48
N GLY A 294 16.88 -20.58 -3.84
CA GLY A 294 18.28 -20.94 -4.10
C GLY A 294 19.34 -20.19 -3.34
N TYR A 295 18.96 -19.29 -2.42
CA TYR A 295 19.93 -18.47 -1.69
C TYR A 295 20.33 -19.18 -0.40
N ALA A 296 21.58 -19.64 -0.33
CA ALA A 296 22.06 -20.40 0.81
C ALA A 296 22.09 -19.58 2.10
N SER A 297 22.13 -18.25 2.04
CA SER A 297 22.17 -17.49 3.27
C SER A 297 20.80 -17.37 3.94
N LEU A 298 19.73 -17.82 3.30
CA LEU A 298 18.36 -17.60 3.77
C LEU A 298 17.60 -18.92 3.81
N PRO A 299 17.87 -19.77 4.79
CA PRO A 299 17.18 -21.07 4.87
C PRO A 299 15.72 -20.89 5.27
N LYS A 300 14.83 -21.54 4.54
CA LYS A 300 13.41 -21.34 4.73
C LYS A 300 12.91 -22.09 5.96
N LEU A 301 12.00 -21.46 6.70
CA LEU A 301 11.46 -22.02 7.95
C LEU A 301 10.21 -22.82 7.64
N ASP A 302 10.13 -24.03 8.23
CA ASP A 302 9.09 -25.00 7.91
C ASP A 302 7.99 -24.92 8.96
N TYR A 303 6.85 -24.33 8.60
CA TYR A 303 5.78 -24.08 9.55
C TYR A 303 4.91 -25.31 9.81
N ARG A 304 5.32 -26.49 9.33
CA ARG A 304 4.74 -27.75 9.79
C ARG A 304 5.06 -28.00 11.27
N SER A 305 6.16 -27.45 11.78
CA SER A 305 6.57 -27.65 13.17
C SER A 305 5.73 -26.77 14.11
N SER A 306 5.03 -27.42 15.05
CA SER A 306 4.18 -26.66 15.95
C SER A 306 4.99 -25.75 16.88
N THR A 307 6.24 -26.12 17.20
CA THR A 307 7.04 -25.25 18.05
C THR A 307 7.49 -23.99 17.31
N LEU A 308 7.78 -24.12 16.01
CA LEU A 308 8.08 -22.93 15.20
C LEU A 308 6.90 -21.98 15.18
N ILE A 309 5.69 -22.52 15.00
CA ILE A 309 4.49 -21.71 14.99
C ILE A 309 4.36 -20.95 16.31
N ASP A 310 4.66 -21.62 17.42
CA ASP A 310 4.62 -20.98 18.73
C ASP A 310 5.70 -19.90 18.87
N GLU A 311 6.83 -20.08 18.20
CA GLU A 311 7.92 -19.13 18.37
C GLU A 311 7.68 -17.86 17.56
N ILE A 312 7.11 -17.98 16.37
CA ILE A 312 6.93 -16.81 15.50
C ILE A 312 5.68 -16.03 15.87
N TYR A 313 4.55 -16.72 16.06
CA TYR A 313 3.31 -16.00 16.37
C TYR A 313 2.40 -16.66 17.39
N GLY A 314 2.39 -17.99 17.53
CA GLY A 314 1.40 -18.63 18.38
C GLY A 314 1.54 -18.26 19.85
N GLY A 315 2.78 -18.14 20.32
CA GLY A 315 3.01 -17.93 21.74
C GLY A 315 2.79 -16.51 22.19
N GLU A 316 2.64 -16.35 23.51
CA GLU A 316 2.43 -15.02 24.07
C GLU A 316 3.63 -14.13 23.85
N ASP A 317 4.84 -14.68 23.95
CA ASP A 317 6.04 -13.91 23.68
C ASP A 317 6.71 -14.36 22.37
N SER A 318 5.91 -14.78 21.41
CA SER A 318 6.39 -14.98 20.06
C SER A 318 6.91 -13.67 19.48
N VAL A 319 7.65 -13.78 18.37
CA VAL A 319 8.36 -12.62 17.85
C VAL A 319 7.37 -11.55 17.41
N VAL A 320 6.30 -11.96 16.77
CA VAL A 320 5.33 -11.01 16.26
C VAL A 320 4.71 -10.17 17.33
N ARG A 321 4.41 -10.79 18.45
CA ARG A 321 3.82 -10.10 19.55
C ARG A 321 4.80 -9.32 20.37
N HIS A 322 6.02 -9.81 20.46
CA HIS A 322 7.07 -9.21 21.24
C HIS A 322 7.32 -7.77 20.92
N TRP A 323 7.54 -7.50 19.66
CA TRP A 323 7.83 -6.12 19.29
C TRP A 323 6.58 -5.25 19.25
N LEU A 324 5.43 -5.81 19.59
CA LEU A 324 4.20 -5.04 19.66
C LEU A 324 3.82 -4.63 21.08
N LYS A 325 4.26 -5.36 22.11
CA LYS A 325 3.95 -4.96 23.47
C LYS A 325 5.09 -4.10 24.03
N ALA A 326 4.78 -3.42 25.14
CA ALA A 326 5.74 -2.53 25.76
C ALA A 326 7.03 -3.29 26.07
N PRO A 327 8.18 -2.62 26.03
CA PRO A 327 8.39 -1.19 25.77
C PRO A 327 8.48 -0.86 24.28
N TRP A 328 8.39 -1.85 23.41
CA TRP A 328 8.60 -1.58 22.00
C TRP A 328 7.36 -0.96 21.35
N SER A 329 6.18 -1.53 21.58
CA SER A 329 4.92 -0.87 21.21
C SER A 329 4.93 -0.39 19.75
N MET A 330 5.48 -1.20 18.85
CA MET A 330 5.41 -0.84 17.45
C MET A 330 3.98 -0.92 16.95
N ASP A 331 3.70 -0.19 15.87
CA ASP A 331 2.36 -0.09 15.32
C ASP A 331 2.03 -1.18 14.30
N GLY A 332 2.96 -2.08 14.02
CA GLY A 332 2.63 -3.22 13.19
C GLY A 332 3.86 -3.73 12.47
N TRP A 333 3.59 -4.48 11.41
CA TRP A 333 4.56 -5.31 10.70
C TRP A 333 4.34 -5.22 9.21
N ARG A 334 5.41 -4.98 8.46
CA ARG A 334 5.44 -5.22 7.01
C ARG A 334 6.05 -6.60 6.77
N LEU A 335 5.31 -7.49 6.09
CA LEU A 335 5.71 -8.89 6.01
C LEU A 335 6.52 -9.15 4.75
N ASP A 336 7.82 -9.41 4.92
CA ASP A 336 8.70 -9.75 3.80
C ASP A 336 8.35 -11.14 3.26
N VAL A 337 8.34 -11.27 1.93
CA VAL A 337 8.01 -12.54 1.25
C VAL A 337 6.77 -13.17 1.87
N VAL A 338 5.69 -12.38 1.97
CA VAL A 338 4.48 -12.86 2.65
C VAL A 338 3.85 -14.02 1.89
N HIS A 339 4.10 -14.13 0.60
CA HIS A 339 3.36 -15.07 -0.24
C HIS A 339 3.95 -16.48 -0.25
N MET A 340 5.20 -16.65 0.19
CA MET A 340 5.86 -17.95 0.11
C MET A 340 5.95 -18.65 1.46
N LEU A 341 5.72 -17.91 2.54
CA LEU A 341 5.76 -18.48 3.87
C LEU A 341 4.81 -19.65 3.99
N GLY A 342 5.29 -20.76 4.53
CA GLY A 342 4.44 -21.93 4.68
C GLY A 342 5.21 -23.15 5.12
N GLU A 343 4.65 -24.30 4.80
CA GLU A 343 5.11 -25.58 5.34
C GLU A 343 5.90 -26.37 4.31
N GLY A 344 6.76 -27.25 4.82
CA GLY A 344 7.40 -28.28 4.01
C GLY A 344 8.36 -27.80 2.94
N GLY A 345 8.84 -26.56 3.01
CA GLY A 345 9.78 -26.01 2.06
C GLY A 345 9.16 -25.13 0.99
N GLY A 346 7.84 -25.07 0.90
CA GLY A 346 7.14 -24.25 -0.06
C GLY A 346 6.06 -23.42 0.63
N ALA A 347 5.01 -23.13 -0.13
CA ALA A 347 3.93 -22.27 0.33
C ALA A 347 2.72 -23.04 0.87
N ARG A 348 2.87 -24.33 1.17
CA ARG A 348 1.72 -25.11 1.64
C ARG A 348 1.14 -24.47 2.90
N ASN A 349 -0.17 -24.19 2.86
CA ASN A 349 -0.89 -23.59 3.98
C ASN A 349 -0.43 -22.15 4.26
N ASN A 350 0.00 -21.45 3.22
CA ASN A 350 0.45 -20.07 3.35
C ASN A 350 -0.63 -19.17 3.96
N LEU A 351 -1.87 -19.29 3.45
CA LEU A 351 -2.95 -18.43 3.92
C LEU A 351 -3.19 -18.59 5.41
N ARG A 352 -3.20 -19.84 5.91
CA ARG A 352 -3.45 -20.07 7.32
C ARG A 352 -2.38 -19.37 8.18
N HIS A 353 -1.13 -19.45 7.76
CA HIS A 353 -0.07 -18.91 8.61
C HIS A 353 -0.06 -17.39 8.57
N ILE A 354 -0.24 -16.78 7.40
CA ILE A 354 -0.31 -15.32 7.36
C ILE A 354 -1.47 -14.81 8.23
N ALA A 355 -2.60 -15.54 8.24
CA ALA A 355 -3.67 -15.16 9.14
C ALA A 355 -3.25 -15.29 10.59
N GLY A 356 -2.53 -16.36 10.92
CA GLY A 356 -2.05 -16.53 12.27
C GLY A 356 -1.19 -15.37 12.72
N ILE A 357 -0.26 -14.95 11.86
CA ILE A 357 0.58 -13.80 12.17
C ILE A 357 -0.27 -12.58 12.46
N THR A 358 -1.15 -12.22 11.52
CA THR A 358 -2.02 -11.07 11.71
C THR A 358 -2.87 -11.22 12.97
N GLN A 359 -3.45 -12.40 13.18
CA GLN A 359 -4.29 -12.61 14.34
C GLN A 359 -3.52 -12.36 15.64
N ALA A 360 -2.33 -12.93 15.76
CA ALA A 360 -1.52 -12.71 16.95
C ALA A 360 -1.20 -11.23 17.13
N ALA A 361 -0.98 -10.51 16.03
CA ALA A 361 -0.67 -9.09 16.15
C ALA A 361 -1.84 -8.31 16.75
N LYS A 362 -3.05 -8.55 16.25
CA LYS A 362 -4.22 -7.86 16.77
C LYS A 362 -4.50 -8.27 18.21
N LEU A 363 -4.10 -9.44 18.61
CA LEU A 363 -4.31 -9.88 19.95
C LEU A 363 -3.49 -9.01 20.89
N GLU A 364 -2.27 -8.69 20.49
CA GLU A 364 -1.39 -7.86 21.29
C GLU A 364 -1.76 -6.41 21.13
N ARG A 365 -2.20 -5.99 19.97
CA ARG A 365 -2.58 -4.60 19.69
C ARG A 365 -3.74 -4.55 18.71
N PRO A 366 -4.95 -4.25 19.19
CA PRO A 366 -6.11 -4.20 18.28
C PRO A 366 -5.89 -3.41 17.00
N ASP A 367 -5.25 -2.25 17.04
CA ASP A 367 -5.08 -1.46 15.82
C ASP A 367 -3.75 -1.73 15.11
N ALA A 368 -3.14 -2.88 15.37
CA ALA A 368 -1.91 -3.25 14.66
C ALA A 368 -2.17 -3.27 13.14
N PHE A 369 -1.25 -2.67 12.40
CA PHE A 369 -1.27 -2.67 10.95
C PHE A 369 -0.36 -3.80 10.47
N VAL A 370 -0.94 -4.81 9.83
CA VAL A 370 -0.17 -5.90 9.22
C VAL A 370 -0.43 -5.89 7.72
N PHE A 371 0.62 -5.67 6.93
CA PHE A 371 0.50 -5.72 5.48
C PHE A 371 1.70 -6.42 4.89
N GLY A 372 1.49 -7.04 3.73
CA GLY A 372 2.49 -7.90 3.11
C GLY A 372 3.04 -7.32 1.83
N GLU A 373 4.31 -7.60 1.59
CA GLU A 373 4.93 -7.29 0.31
C GLU A 373 4.38 -8.26 -0.73
N HIS A 374 3.62 -7.74 -1.69
CA HIS A 374 3.07 -8.54 -2.78
C HIS A 374 3.48 -7.91 -4.10
N PHE A 375 4.47 -8.48 -4.76
CA PHE A 375 4.76 -8.03 -6.12
C PHE A 375 3.74 -8.54 -7.12
N GLY A 376 2.99 -9.59 -6.78
CA GLY A 376 1.97 -10.15 -7.65
C GLY A 376 0.56 -9.75 -7.24
N ASP A 377 -0.39 -10.57 -7.68
CA ASP A 377 -1.81 -10.35 -7.45
C ASP A 377 -2.17 -10.85 -6.05
N ALA A 378 -2.48 -9.91 -5.13
CA ALA A 378 -2.70 -10.23 -3.72
C ALA A 378 -4.18 -10.41 -3.36
N ARG A 379 -5.07 -10.43 -4.34
CA ARG A 379 -6.49 -10.39 -4.02
C ARG A 379 -6.93 -11.60 -3.19
N GLN A 380 -6.30 -12.75 -3.35
CA GLN A 380 -6.77 -13.90 -2.59
C GLN A 380 -6.45 -13.74 -1.11
N TRP A 381 -5.24 -13.28 -0.80
CA TRP A 381 -4.90 -12.98 0.58
C TRP A 381 -5.85 -11.93 1.16
N LEU A 382 -6.02 -10.82 0.45
CA LEU A 382 -6.83 -9.71 0.94
C LEU A 382 -8.31 -10.10 1.03
N GLN A 383 -8.80 -10.84 0.02
CA GLN A 383 -10.22 -11.19 0.02
C GLN A 383 -10.58 -12.17 1.11
N ALA A 384 -9.59 -12.84 1.73
CA ALA A 384 -9.83 -13.66 2.90
C ALA A 384 -9.32 -13.03 4.21
N ASP A 385 -8.97 -11.74 4.20
CA ASP A 385 -8.72 -10.99 5.43
C ASP A 385 -7.56 -11.56 6.25
N VAL A 386 -6.63 -12.29 5.62
CA VAL A 386 -5.46 -12.78 6.33
C VAL A 386 -4.43 -11.68 6.56
N GLU A 387 -4.63 -10.50 5.96
CA GLU A 387 -3.81 -9.34 6.27
C GLU A 387 -4.65 -8.12 5.96
N ASP A 388 -4.21 -6.97 6.51
CA ASP A 388 -4.99 -5.73 6.36
C ASP A 388 -4.81 -5.05 5.02
N SER A 389 -3.73 -5.34 4.31
CA SER A 389 -3.33 -4.50 3.19
C SER A 389 -2.14 -5.16 2.51
N ALA A 390 -1.75 -4.60 1.37
CA ALA A 390 -0.56 -5.04 0.65
C ALA A 390 0.16 -3.83 0.06
N MET A 391 1.48 -3.90 0.05
CA MET A 391 2.25 -3.05 -0.85
C MET A 391 1.70 -3.26 -2.26
N ASN A 392 1.09 -2.21 -2.79
CA ASN A 392 0.15 -2.35 -3.88
C ASN A 392 0.84 -2.25 -5.23
N TYR A 393 1.76 -3.19 -5.49
CA TYR A 393 2.42 -3.21 -6.80
C TYR A 393 1.43 -3.52 -7.91
N ARG A 394 0.50 -4.44 -7.69
CA ARG A 394 -0.40 -4.84 -8.78
C ARG A 394 -1.50 -3.81 -9.00
N GLY A 395 -2.02 -3.21 -7.92
CA GLY A 395 -3.12 -2.28 -8.06
C GLY A 395 -2.72 -0.84 -8.29
N PHE A 396 -1.46 -0.49 -8.03
CA PHE A 396 -1.00 0.89 -8.16
C PHE A 396 0.33 1.00 -8.88
N THR A 397 1.39 0.39 -8.35
CA THR A 397 2.73 0.65 -8.85
C THR A 397 2.88 0.28 -10.32
N PHE A 398 2.64 -0.98 -10.66
CA PHE A 398 2.91 -1.46 -12.01
C PHE A 398 2.00 -0.81 -13.06
N PRO A 399 0.72 -0.53 -12.78
CA PRO A 399 -0.04 0.30 -13.73
C PRO A 399 0.66 1.61 -14.06
N LEU A 400 1.22 2.30 -13.07
CA LEU A 400 1.92 3.55 -13.35
C LEU A 400 3.25 3.33 -14.05
N TRP A 401 4.02 2.30 -13.66
CA TRP A 401 5.21 1.96 -14.44
C TRP A 401 4.88 1.74 -15.91
N GLY A 402 3.72 1.15 -16.18
CA GLY A 402 3.31 0.93 -17.55
C GLY A 402 2.85 2.18 -18.27
N PHE A 403 1.85 2.85 -17.69
CA PHE A 403 1.28 4.02 -18.36
C PHE A 403 2.28 5.15 -18.46
N LEU A 404 3.07 5.39 -17.41
CA LEU A 404 4.00 6.52 -17.38
C LEU A 404 5.40 6.17 -17.88
N ALA A 405 5.91 4.97 -17.56
CA ALA A 405 7.30 4.61 -17.79
C ALA A 405 7.52 3.53 -18.84
N ASN A 406 6.46 2.97 -19.43
CA ASN A 406 6.57 1.97 -20.49
C ASN A 406 7.35 0.73 -20.07
N THR A 407 7.15 0.26 -18.84
CA THR A 407 7.93 -0.88 -18.39
C THR A 407 7.19 -1.56 -17.23
N ASP A 408 7.82 -2.57 -16.65
CA ASP A 408 7.15 -3.41 -15.66
C ASP A 408 8.20 -4.11 -14.82
N ILE A 409 7.74 -5.04 -13.96
CA ILE A 409 8.60 -5.75 -13.01
C ILE A 409 9.79 -6.42 -13.71
N SER A 410 9.61 -6.85 -14.95
CA SER A 410 10.66 -7.58 -15.65
C SER A 410 11.47 -6.67 -16.54
N TYR A 411 11.19 -5.37 -16.54
CA TYR A 411 11.78 -4.41 -17.46
C TYR A 411 11.54 -4.84 -18.92
N ASP A 412 10.33 -5.53 -19.16
CA ASP A 412 9.74 -5.74 -20.49
C ASP A 412 8.93 -4.51 -20.89
N PRO A 413 9.02 -4.09 -22.15
CA PRO A 413 8.35 -2.86 -22.56
C PRO A 413 6.85 -2.96 -22.42
N GLN A 414 6.22 -1.81 -22.33
CA GLN A 414 4.82 -1.74 -21.94
C GLN A 414 4.21 -0.56 -22.68
N LYS A 415 3.16 -0.82 -23.45
CA LYS A 415 2.49 0.19 -24.28
C LYS A 415 1.01 0.20 -23.93
N ILE A 416 0.66 0.83 -22.81
CA ILE A 416 -0.73 0.85 -22.36
C ILE A 416 -1.21 2.31 -22.33
N ASP A 417 -2.44 2.51 -22.78
CA ASP A 417 -3.03 3.85 -22.76
C ASP A 417 -3.83 4.05 -21.47
N ALA A 418 -4.52 5.18 -21.37
CA ALA A 418 -5.27 5.49 -20.14
C ALA A 418 -6.43 4.53 -19.92
N GLN A 419 -7.14 4.14 -20.99
CA GLN A 419 -8.23 3.16 -20.86
C GLN A 419 -7.73 1.90 -20.18
N THR A 420 -6.67 1.34 -20.70
CA THR A 420 -6.14 0.10 -20.15
C THR A 420 -5.64 0.31 -18.74
N CYS A 421 -4.92 1.41 -18.52
CA CYS A 421 -4.37 1.70 -17.21
C CYS A 421 -5.47 1.75 -16.16
N MET A 422 -6.57 2.41 -16.48
CA MET A 422 -7.66 2.54 -15.51
C MET A 422 -8.50 1.27 -15.41
N ALA A 423 -8.75 0.57 -16.54
CA ALA A 423 -9.35 -0.76 -16.45
C ALA A 423 -8.54 -1.61 -15.47
N TRP A 424 -7.22 -1.63 -15.67
CA TRP A 424 -6.32 -2.33 -14.77
C TRP A 424 -6.53 -1.92 -13.31
N MET A 425 -6.50 -0.61 -13.05
CA MET A 425 -6.55 -0.16 -11.66
C MET A 425 -7.92 -0.37 -11.07
N ASP A 426 -8.98 -0.08 -11.83
CA ASP A 426 -10.33 -0.26 -11.28
C ASP A 426 -10.67 -1.74 -11.15
N ASN A 427 -10.15 -2.59 -12.04
CA ASN A 427 -10.39 -4.03 -11.91
C ASN A 427 -9.84 -4.55 -10.58
N TYR A 428 -8.61 -4.18 -10.25
CA TYR A 428 -8.01 -4.65 -9.01
C TYR A 428 -8.80 -4.20 -7.79
N ARG A 429 -9.12 -2.88 -7.70
CA ARG A 429 -9.87 -2.35 -6.56
C ARG A 429 -11.21 -3.03 -6.40
N ALA A 430 -11.82 -3.43 -7.52
CA ALA A 430 -13.14 -4.03 -7.45
C ALA A 430 -13.19 -5.23 -6.51
N GLY A 431 -12.05 -5.89 -6.30
CA GLY A 431 -12.03 -7.04 -5.42
C GLY A 431 -11.88 -6.71 -3.96
N LEU A 432 -11.94 -5.43 -3.63
CA LEU A 432 -11.57 -4.93 -2.33
C LEU A 432 -12.70 -4.06 -1.79
N SER A 433 -12.99 -4.20 -0.50
CA SER A 433 -13.96 -3.31 0.13
C SER A 433 -13.43 -1.89 0.15
N HIS A 434 -14.32 -0.93 0.43
CA HIS A 434 -13.88 0.46 0.46
C HIS A 434 -12.85 0.67 1.55
N GLN A 435 -13.05 0.06 2.72
CA GLN A 435 -12.09 0.22 3.80
C GLN A 435 -10.75 -0.38 3.43
N GLN A 436 -10.76 -1.53 2.74
CA GLN A 436 -9.50 -2.12 2.28
C GLN A 436 -8.81 -1.20 1.29
N GLN A 437 -9.58 -0.64 0.35
CA GLN A 437 -8.98 0.21 -0.68
C GLN A 437 -8.28 1.42 -0.04
N LEU A 438 -8.83 1.94 1.04
CA LEU A 438 -8.26 3.16 1.60
C LEU A 438 -6.94 2.92 2.30
N ARG A 439 -6.69 1.70 2.78
CA ARG A 439 -5.45 1.41 3.49
C ARG A 439 -4.50 0.55 2.67
N MET A 440 -4.71 0.44 1.35
CA MET A 440 -3.70 -0.19 0.50
C MET A 440 -2.46 0.67 0.46
N PHE A 441 -1.30 0.02 0.51
CA PHE A 441 0.00 0.67 0.71
C PHE A 441 0.59 1.02 -0.66
N ASN A 442 0.36 2.25 -1.10
CA ASN A 442 0.73 2.63 -2.46
C ASN A 442 2.11 3.26 -2.51
N GLN A 443 2.97 2.76 -3.40
CA GLN A 443 4.23 3.46 -3.61
C GLN A 443 4.75 3.23 -5.01
N LEU A 444 5.76 4.04 -5.37
CA LEU A 444 6.29 4.12 -6.71
C LEU A 444 7.55 3.30 -6.92
N ASP A 445 8.16 2.84 -5.83
CA ASP A 445 9.44 2.13 -5.86
C ASP A 445 9.77 1.79 -4.42
N SER A 446 10.77 0.94 -4.23
CA SER A 446 11.32 0.73 -2.89
C SER A 446 12.66 0.01 -2.97
N HIS A 447 13.11 -0.59 -1.87
CA HIS A 447 14.47 -1.12 -1.82
C HIS A 447 14.68 -2.24 -2.83
N ASN A 448 13.57 -2.80 -3.32
CA ASN A 448 13.50 -3.98 -4.18
C ASN A 448 13.37 -3.64 -5.65
N THR A 449 13.35 -2.36 -6.00
CA THR A 449 13.08 -1.95 -7.36
C THR A 449 14.07 -0.86 -7.74
N ALA A 450 14.16 -0.65 -9.05
CA ALA A 450 14.77 0.57 -9.54
C ALA A 450 14.03 1.79 -8.98
N ARG A 451 14.76 2.90 -8.90
CA ARG A 451 14.12 4.17 -8.59
C ARG A 451 13.14 4.52 -9.71
N PHE A 452 11.91 4.87 -9.32
CA PHE A 452 10.93 5.22 -10.34
C PHE A 452 11.45 6.33 -11.24
N LYS A 453 12.17 7.29 -10.66
CA LYS A 453 12.73 8.38 -11.43
C LYS A 453 13.66 7.88 -12.53
N SER A 454 14.50 6.89 -12.23
CA SER A 454 15.31 6.29 -13.30
C SER A 454 14.45 5.55 -14.32
N LEU A 455 13.38 4.91 -13.85
CA LEU A 455 12.57 4.11 -14.78
C LEU A 455 11.90 4.97 -15.84
N LEU A 456 11.69 6.25 -15.56
CA LEU A 456 11.08 7.12 -16.55
C LEU A 456 11.99 7.37 -17.74
N GLY A 457 13.28 7.08 -17.62
CA GLY A 457 14.23 7.37 -18.68
C GLY A 457 14.11 8.80 -19.19
N LYS A 458 13.88 8.93 -20.51
CA LYS A 458 13.73 10.24 -21.14
C LYS A 458 12.48 10.98 -20.68
N ASP A 459 11.44 10.28 -20.24
CA ASP A 459 10.21 10.93 -19.81
C ASP A 459 10.21 11.29 -18.31
N VAL A 460 11.38 11.62 -17.76
CA VAL A 460 11.48 11.95 -16.34
C VAL A 460 10.57 13.10 -15.96
N ALA A 461 10.21 13.96 -16.92
CA ALA A 461 9.31 15.07 -16.61
C ALA A 461 7.92 14.61 -16.19
N ARG A 462 7.58 13.34 -16.45
CA ARG A 462 6.32 12.80 -15.95
C ARG A 462 6.34 12.54 -14.45
N LEU A 463 7.51 12.67 -13.81
CA LEU A 463 7.61 12.27 -12.41
C LEU A 463 6.67 13.04 -11.49
N PRO A 464 6.49 14.36 -11.60
CA PRO A 464 5.49 15.02 -10.74
C PRO A 464 4.10 14.46 -10.90
N LEU A 465 3.76 13.93 -12.08
CA LEU A 465 2.44 13.35 -12.29
C LEU A 465 2.23 12.17 -11.35
N ALA A 466 3.22 11.28 -11.29
CA ALA A 466 3.14 10.14 -10.38
C ALA A 466 3.01 10.59 -8.93
N VAL A 467 3.72 11.66 -8.54
CA VAL A 467 3.67 12.12 -7.15
C VAL A 467 2.27 12.57 -6.78
N VAL A 468 1.63 13.37 -7.66
CA VAL A 468 0.25 13.78 -7.42
C VAL A 468 -0.66 12.56 -7.35
N TRP A 469 -0.55 11.67 -8.33
CA TRP A 469 -1.35 10.44 -8.34
C TRP A 469 -1.15 9.63 -7.05
N LEU A 470 0.11 9.55 -6.59
CA LEU A 470 0.42 8.77 -5.41
C LEU A 470 -0.37 9.26 -4.20
N PHE A 471 -0.67 10.55 -4.13
CA PHE A 471 -1.36 11.12 -2.97
C PHE A 471 -2.87 11.18 -3.14
N SER A 472 -3.40 10.97 -4.36
CA SER A 472 -4.84 11.16 -4.58
C SER A 472 -5.61 9.88 -4.91
N TRP A 473 -4.92 8.80 -5.31
CA TRP A 473 -5.56 7.52 -5.55
C TRP A 473 -5.86 6.84 -4.22
N PRO A 474 -7.05 6.27 -4.06
CA PRO A 474 -7.40 5.62 -2.79
C PRO A 474 -6.29 4.69 -2.32
N GLY A 475 -6.01 4.74 -1.03
CA GLY A 475 -4.87 4.05 -0.46
C GLY A 475 -3.96 5.03 0.26
N VAL A 476 -3.06 4.45 1.05
CA VAL A 476 -2.14 5.22 1.88
C VAL A 476 -0.82 5.33 1.13
N PRO A 477 -0.25 6.53 1.00
CA PRO A 477 0.96 6.68 0.19
C PRO A 477 2.23 6.51 1.00
N CYS A 478 3.27 6.03 0.31
CA CYS A 478 4.56 5.76 0.94
C CYS A 478 5.65 6.32 0.06
N ILE A 479 6.51 7.13 0.65
CA ILE A 479 7.69 7.66 0.01
C ILE A 479 8.86 6.73 0.33
N TYR A 480 9.57 6.30 -0.70
CA TYR A 480 10.85 5.64 -0.48
C TYR A 480 11.90 6.73 -0.26
N TYR A 481 12.66 6.62 0.83
CA TYR A 481 13.51 7.72 1.30
C TYR A 481 14.33 8.31 0.16
N GLY A 482 14.30 9.63 0.02
CA GLY A 482 15.08 10.29 -0.99
C GLY A 482 14.39 10.47 -2.32
N ASP A 483 13.30 9.73 -2.58
CA ASP A 483 12.46 10.06 -3.73
C ASP A 483 12.09 11.53 -3.71
N GLU A 484 11.78 12.07 -2.53
CA GLU A 484 11.28 13.44 -2.44
C GLU A 484 12.31 14.46 -2.91
N VAL A 485 13.60 14.13 -2.89
CA VAL A 485 14.63 15.08 -3.32
C VAL A 485 15.30 14.63 -4.61
N GLY A 486 14.68 13.70 -5.33
CA GLY A 486 15.13 13.37 -6.66
C GLY A 486 16.21 12.33 -6.76
N VAL A 487 16.41 11.53 -5.72
CA VAL A 487 17.36 10.42 -5.82
C VAL A 487 16.95 9.49 -6.95
N ASP A 488 17.92 9.05 -7.76
CA ASP A 488 17.68 8.00 -8.73
C ASP A 488 18.67 6.84 -8.55
N GLY A 489 18.66 5.94 -9.51
CA GLY A 489 19.46 4.72 -9.43
C GLY A 489 18.73 3.50 -9.95
N ASN A 490 19.49 2.56 -10.51
CA ASN A 490 18.94 1.31 -11.01
C ASN A 490 18.62 0.40 -9.83
N ASN A 491 18.25 -0.84 -10.12
CA ASN A 491 17.80 -1.72 -9.05
C ASN A 491 18.97 -2.08 -8.13
N ASP A 492 18.61 -2.62 -6.96
CA ASP A 492 19.48 -3.19 -5.93
C ASP A 492 20.78 -3.70 -6.54
N PRO A 493 21.95 -3.13 -6.16
CA PRO A 493 22.23 -2.25 -5.01
C PRO A 493 22.07 -0.75 -5.28
N PHE A 494 21.83 -0.34 -6.53
CA PHE A 494 21.93 1.07 -6.91
C PHE A 494 20.71 1.89 -6.53
N CYS A 495 19.63 1.26 -6.06
CA CYS A 495 18.47 1.99 -5.55
C CYS A 495 18.60 2.32 -4.07
N ARG A 496 19.77 2.11 -3.47
CA ARG A 496 20.00 2.39 -2.06
C ARG A 496 21.08 3.46 -1.86
N LYS A 497 21.17 4.43 -2.78
CA LYS A 497 22.11 5.55 -2.64
C LYS A 497 21.98 6.20 -1.27
N PRO A 498 23.06 6.72 -0.70
CA PRO A 498 22.94 7.53 0.51
C PRO A 498 22.13 8.78 0.25
N PHE A 499 21.28 9.13 1.21
CA PHE A 499 20.44 10.32 1.08
C PHE A 499 21.31 11.57 0.98
N PRO A 500 21.04 12.48 0.04
CA PRO A 500 21.82 13.73 -0.05
C PRO A 500 21.26 14.85 0.82
N TRP A 501 21.91 15.10 1.94
CA TRP A 501 21.50 16.18 2.82
C TRP A 501 21.99 17.53 2.36
N ASP A 502 22.97 17.56 1.46
CA ASP A 502 23.43 18.79 0.81
C ASP A 502 22.34 19.30 -0.12
N PRO A 503 21.63 20.37 0.24
CA PRO A 503 20.52 20.83 -0.61
C PRO A 503 20.95 21.15 -2.03
N ALA A 504 22.25 21.38 -2.24
CA ALA A 504 22.75 21.62 -3.58
C ALA A 504 22.61 20.38 -4.45
N LEU A 505 22.53 19.21 -3.84
CA LEU A 505 22.26 17.97 -4.55
C LEU A 505 20.82 17.49 -4.38
N GLN A 506 19.88 18.41 -4.14
CA GLN A 506 18.47 18.10 -3.93
C GLN A 506 17.62 18.83 -4.96
N ASP A 507 16.60 18.14 -5.47
CA ASP A 507 15.60 18.75 -6.34
C ASP A 507 14.59 19.46 -5.44
N GLY A 508 14.78 20.77 -5.24
CA GLY A 508 13.94 21.49 -4.30
C GLY A 508 12.51 21.65 -4.75
N ASP A 509 12.28 21.76 -6.06
CA ASP A 509 10.92 21.84 -6.57
C ASP A 509 10.15 20.55 -6.29
N LEU A 510 10.76 19.40 -6.62
CA LEU A 510 10.09 18.13 -6.34
C LEU A 510 9.82 18.00 -4.85
N LEU A 511 10.78 18.40 -4.01
CA LEU A 511 10.55 18.36 -2.58
C LEU A 511 9.30 19.15 -2.19
N ASP A 512 9.09 20.31 -2.81
CA ASP A 512 7.95 21.14 -2.46
C ASP A 512 6.64 20.56 -2.98
N LEU A 513 6.69 19.86 -4.11
CA LEU A 513 5.49 19.15 -4.60
C LEU A 513 5.01 18.11 -3.59
N TYR A 514 5.93 17.27 -3.10
CA TYR A 514 5.59 16.34 -2.03
C TYR A 514 4.98 17.06 -0.84
N LYS A 515 5.59 18.19 -0.43
CA LYS A 515 5.11 18.89 0.75
C LYS A 515 3.69 19.38 0.56
N ARG A 516 3.39 19.99 -0.58
CA ARG A 516 2.02 20.45 -0.82
C ARG A 516 1.02 19.29 -0.93
N MET A 517 1.40 18.17 -1.56
CA MET A 517 0.45 17.07 -1.68
C MET A 517 0.09 16.50 -0.32
N SER A 518 1.06 16.35 0.56
CA SER A 518 0.68 15.93 1.90
C SER A 518 -0.20 16.97 2.57
N LYS A 519 -0.06 18.25 2.19
CA LYS A 519 -0.94 19.28 2.73
C LYS A 519 -2.37 19.14 2.20
N LEU A 520 -2.53 19.03 0.87
CA LEU A 520 -3.85 18.73 0.30
C LEU A 520 -4.50 17.52 0.98
N ARG A 521 -3.75 16.43 1.10
CA ARG A 521 -4.32 15.21 1.69
C ARG A 521 -4.72 15.42 3.14
N LYS A 522 -3.85 16.06 3.92
CA LYS A 522 -4.20 16.44 5.29
C LYS A 522 -5.41 17.37 5.32
N ALA A 523 -5.58 18.19 4.29
CA ALA A 523 -6.65 19.20 4.34
C ALA A 523 -8.02 18.61 4.04
N HIS A 524 -8.11 17.63 3.15
CA HIS A 524 -9.38 17.28 2.52
C HIS A 524 -9.75 15.83 2.79
N GLN A 525 -10.89 15.63 3.49
CA GLN A 525 -11.35 14.29 3.85
C GLN A 525 -11.47 13.35 2.64
N ALA A 526 -11.78 13.88 1.45
CA ALA A 526 -12.06 13.00 0.32
C ALA A 526 -10.80 12.26 -0.15
N LEU A 527 -9.63 12.85 0.09
CA LEU A 527 -8.34 12.23 -0.24
C LEU A 527 -7.94 11.17 0.76
N ARG A 528 -8.68 11.03 1.84
CA ARG A 528 -8.35 10.05 2.84
C ARG A 528 -9.45 9.02 3.03
N TYR A 529 -10.73 9.44 2.91
CA TYR A 529 -11.86 8.57 3.17
C TYR A 529 -12.76 8.39 1.96
N GLY A 530 -12.48 9.06 0.85
CA GLY A 530 -13.45 9.16 -0.21
C GLY A 530 -13.50 7.93 -1.11
N GLY A 531 -14.66 7.74 -1.73
CA GLY A 531 -14.75 6.89 -2.89
C GLY A 531 -13.97 7.48 -4.04
N CYS A 532 -13.89 6.71 -5.11
CA CYS A 532 -13.14 7.13 -6.29
C CYS A 532 -13.90 6.68 -7.53
N GLN A 533 -14.21 7.65 -8.40
CA GLN A 533 -14.84 7.38 -9.69
C GLN A 533 -13.96 7.93 -10.80
N VAL A 534 -13.45 7.04 -11.65
CA VAL A 534 -12.79 7.47 -12.87
C VAL A 534 -13.84 8.08 -13.78
N ILE A 535 -13.52 9.21 -14.37
CA ILE A 535 -14.50 10.01 -15.09
C ILE A 535 -14.17 10.11 -16.57
N TYR A 536 -12.90 10.03 -16.93
CA TYR A 536 -12.46 10.12 -18.31
C TYR A 536 -11.12 9.42 -18.34
N ALA A 537 -10.92 8.52 -19.30
CA ALA A 537 -9.66 7.78 -19.40
C ALA A 537 -9.48 7.41 -20.86
N GLU A 538 -8.59 8.13 -21.54
CA GLU A 538 -8.42 7.91 -22.97
C GLU A 538 -7.04 8.43 -23.38
N ASP A 539 -6.32 7.59 -24.12
CA ASP A 539 -4.98 7.92 -24.61
C ASP A 539 -4.09 8.44 -23.49
N ASN A 540 -3.77 9.73 -23.50
CA ASN A 540 -2.84 10.33 -22.55
C ASN A 540 -3.49 10.87 -21.29
N VAL A 541 -4.82 10.87 -21.20
CA VAL A 541 -5.52 11.63 -20.18
C VAL A 541 -6.34 10.71 -19.27
N VAL A 542 -6.08 10.79 -17.97
CA VAL A 542 -6.91 10.19 -16.93
C VAL A 542 -7.54 11.34 -16.15
N VAL A 543 -8.82 11.19 -15.81
CA VAL A 543 -9.52 12.15 -14.95
C VAL A 543 -10.39 11.35 -13.99
N PHE A 544 -10.11 11.47 -12.69
CA PHE A 544 -10.95 10.87 -11.67
C PHE A 544 -11.28 11.88 -10.58
N VAL A 545 -12.32 11.54 -9.82
CA VAL A 545 -12.79 12.38 -8.74
C VAL A 545 -12.84 11.55 -7.47
N ARG A 546 -12.31 12.10 -6.38
CA ARG A 546 -12.57 11.52 -5.07
C ARG A 546 -13.84 12.17 -4.55
N VAL A 547 -14.62 11.41 -3.78
CA VAL A 547 -15.98 11.78 -3.45
C VAL A 547 -16.25 11.43 -1.99
N TYR A 548 -16.70 12.40 -1.21
CA TYR A 548 -16.97 12.14 0.19
C TYR A 548 -17.93 13.18 0.75
N LYS A 549 -19.01 12.71 1.36
CA LYS A 549 -20.17 13.54 1.69
C LYS A 549 -20.38 14.53 0.54
N GLN A 550 -20.41 15.82 0.86
CA GLN A 550 -20.64 16.85 -0.14
C GLN A 550 -19.38 17.32 -0.86
N GLN A 551 -18.20 16.94 -0.37
CA GLN A 551 -16.94 17.43 -0.95
C GLN A 551 -16.51 16.55 -2.12
N ARG A 552 -15.84 17.17 -3.10
CA ARG A 552 -15.32 16.47 -4.26
C ARG A 552 -13.91 16.98 -4.55
N VAL A 553 -12.98 16.07 -4.80
CA VAL A 553 -11.64 16.43 -5.23
C VAL A 553 -11.43 15.88 -6.61
N LEU A 554 -11.11 16.75 -7.56
CA LEU A 554 -11.01 16.36 -8.96
C LEU A 554 -9.55 16.35 -9.38
N VAL A 555 -9.14 15.31 -10.11
CA VAL A 555 -7.74 15.09 -10.45
C VAL A 555 -7.63 14.76 -11.94
N ALA A 556 -6.77 15.49 -12.64
CA ALA A 556 -6.64 15.39 -14.09
C ALA A 556 -5.17 15.20 -14.43
N ILE A 557 -4.85 14.07 -15.06
CA ILE A 557 -3.47 13.72 -15.38
C ILE A 557 -3.33 13.62 -16.89
N ASN A 558 -2.32 14.29 -17.43
CA ASN A 558 -2.02 14.28 -18.86
C ASN A 558 -0.54 13.96 -19.03
N ARG A 559 -0.23 12.80 -19.59
CA ARG A 559 1.14 12.38 -19.77
C ARG A 559 1.76 12.85 -21.07
N GLY A 560 1.01 13.55 -21.92
CA GLY A 560 1.53 13.89 -23.23
C GLY A 560 1.44 15.36 -23.53
N GLU A 561 1.52 15.73 -24.81
CA GLU A 561 1.41 17.10 -25.27
C GLU A 561 0.17 17.80 -24.74
N ALA A 562 0.11 19.12 -24.86
CA ALA A 562 -1.07 19.84 -24.37
C ALA A 562 -2.28 19.51 -25.25
N CYS A 563 -3.46 19.56 -24.64
CA CYS A 563 -4.69 19.13 -25.28
C CYS A 563 -5.87 19.70 -24.51
N GLU A 564 -7.05 19.65 -25.12
CA GLU A 564 -8.30 19.97 -24.45
C GLU A 564 -9.18 18.72 -24.43
N VAL A 565 -9.98 18.59 -23.36
CA VAL A 565 -10.82 17.42 -23.19
C VAL A 565 -12.18 17.87 -22.66
N VAL A 566 -13.25 17.36 -23.27
CA VAL A 566 -14.60 17.66 -22.82
C VAL A 566 -14.99 16.70 -21.70
N ILE A 567 -15.70 17.22 -20.71
CA ILE A 567 -16.15 16.45 -19.57
C ILE A 567 -17.67 16.56 -19.55
N GLU A 568 -18.34 15.49 -19.99
CA GLU A 568 -19.80 15.44 -19.96
C GLU A 568 -20.32 15.80 -18.58
N ASP A 569 -21.53 16.32 -18.54
CA ASP A 569 -22.14 16.60 -17.25
C ASP A 569 -22.20 15.34 -16.43
N SER A 570 -21.71 15.41 -15.20
CA SER A 570 -21.81 14.28 -14.32
C SER A 570 -22.42 14.79 -13.03
N PRO A 571 -23.48 14.15 -12.54
CA PRO A 571 -24.01 14.53 -11.23
C PRO A 571 -22.99 14.45 -10.13
N LEU A 572 -21.86 13.76 -10.34
CA LEU A 572 -20.80 13.78 -9.34
C LEU A 572 -20.09 15.13 -9.30
N LEU A 573 -19.95 15.77 -10.46
CA LEU A 573 -19.31 17.07 -10.65
C LEU A 573 -20.29 18.24 -10.59
N ASP A 574 -21.40 18.11 -9.88
CA ASP A 574 -22.45 19.14 -9.89
C ASP A 574 -22.35 19.89 -8.56
N VAL A 575 -21.38 20.79 -8.50
CA VAL A 575 -21.03 21.50 -7.28
C VAL A 575 -21.14 23.00 -7.52
N ASN A 576 -20.92 23.76 -6.44
CA ASN A 576 -20.93 25.22 -6.52
C ASN A 576 -19.88 25.72 -7.51
N GLY A 577 -18.61 25.38 -7.28
CA GLY A 577 -17.54 25.72 -8.19
C GLY A 577 -16.28 24.97 -7.82
N TRP A 578 -15.24 25.15 -8.64
CA TRP A 578 -13.99 24.43 -8.51
C TRP A 578 -12.82 25.35 -8.19
N GLN A 579 -12.16 25.11 -7.04
CA GLN A 579 -10.98 25.84 -6.58
C GLN A 579 -9.70 25.07 -6.95
N LEU A 580 -8.92 25.61 -7.89
CA LEU A 580 -7.68 24.95 -8.28
C LEU A 580 -6.64 25.01 -7.15
N LYS A 581 -6.05 23.87 -6.81
CA LYS A 581 -5.12 23.76 -5.69
C LYS A 581 -3.70 23.34 -6.08
N GLU A 582 -3.50 22.77 -7.26
CA GLU A 582 -2.18 22.28 -7.66
C GLU A 582 -2.23 22.02 -9.15
N GLY A 583 -1.12 22.29 -9.82
CA GLY A 583 -1.04 22.13 -11.26
C GLY A 583 -1.56 23.37 -11.98
N ALA A 584 -1.38 23.37 -13.31
CA ALA A 584 -1.75 24.50 -14.15
C ALA A 584 -2.94 24.20 -15.06
N GLY A 585 -3.70 23.14 -14.78
CA GLY A 585 -4.89 22.88 -15.56
C GLY A 585 -5.98 23.89 -15.28
N ALA A 586 -6.93 24.01 -16.22
CA ALA A 586 -8.08 24.89 -16.04
C ALA A 586 -9.34 24.21 -16.56
N LEU A 587 -10.41 24.36 -15.77
CA LEU A 587 -11.71 23.76 -16.04
C LEU A 587 -12.73 24.88 -16.17
N HIS A 588 -13.46 24.89 -17.29
CA HIS A 588 -14.49 25.90 -17.50
C HIS A 588 -15.50 25.39 -18.51
N ASP A 589 -16.78 25.37 -18.11
CA ASP A 589 -17.88 24.90 -18.96
C ASP A 589 -17.64 23.49 -19.46
N GLY A 590 -17.35 22.59 -18.53
CA GLY A 590 -17.06 21.21 -18.92
C GLY A 590 -15.91 21.06 -19.89
N VAL A 591 -14.98 22.02 -19.91
CA VAL A 591 -13.79 21.91 -20.75
C VAL A 591 -12.54 21.94 -19.89
N LEU A 592 -11.78 20.85 -19.93
CA LEU A 592 -10.48 20.74 -19.28
C LEU A 592 -9.42 21.20 -20.26
N THR A 593 -8.70 22.26 -19.91
CA THR A 593 -7.54 22.71 -20.66
C THR A 593 -6.32 22.20 -19.89
N LEU A 594 -5.57 21.27 -20.48
CA LEU A 594 -4.49 20.60 -19.76
C LEU A 594 -3.16 20.85 -20.44
N PRO A 595 -2.20 21.45 -19.74
CA PRO A 595 -0.87 21.62 -20.30
C PRO A 595 -0.15 20.28 -20.43
N ALA A 596 0.77 20.24 -21.39
CA ALA A 596 1.56 19.05 -21.62
C ALA A 596 2.22 18.58 -20.33
N ILE A 597 2.14 17.26 -20.09
CA ILE A 597 2.84 16.61 -19.00
C ILE A 597 2.53 17.30 -17.68
N SER A 598 1.25 17.33 -17.32
CA SER A 598 0.80 18.00 -16.12
C SER A 598 -0.14 17.10 -15.33
N ALA A 599 -0.31 17.46 -14.08
CA ALA A 599 -1.34 16.93 -13.21
C ALA A 599 -1.95 18.08 -12.45
N SER A 600 -3.27 18.08 -12.30
CA SER A 600 -3.96 19.15 -11.60
C SER A 600 -4.96 18.58 -10.60
N VAL A 601 -5.18 19.32 -9.53
CA VAL A 601 -6.12 18.96 -8.48
C VAL A 601 -7.02 20.14 -8.18
N TRP A 602 -8.34 19.91 -8.21
CA TRP A 602 -9.31 20.92 -7.80
C TRP A 602 -10.12 20.45 -6.60
N PHE A 603 -10.45 21.38 -5.70
CA PHE A 603 -11.45 21.17 -4.67
C PHE A 603 -12.76 21.82 -5.09
N SER A 604 -13.87 21.33 -4.54
CA SER A 604 -15.17 21.92 -4.82
C SER A 604 -15.49 22.99 -3.78
N ARG A 605 -16.19 24.04 -4.22
CA ARG A 605 -16.52 25.17 -3.34
C ARG A 605 -17.90 25.00 -2.72
#